data_9D2W
#
_entry.id   9D2W
#
_cell.length_a   105.939
_cell.length_b   105.939
_cell.length_c   95.576
_cell.angle_alpha   90.000
_cell.angle_beta   90.000
_cell.angle_gamma   120.000
#
_symmetry.space_group_name_H-M   'H 3'
#
loop_
_entity.id
_entity.type
_entity.pdbx_description
1 polymer "DNA (5'-D(*GP*AP*GP*CP*AP*GP*CP*CP*TP*GP*T)-3')"
2 polymer "DNA (5'-D(P*CP*CP*AP*(DF)P*AP*CP*A)-3')"
3 polymer "DNA (5'-D(P*GP*GP*CP*TP*GP*CP*T)-3')"
4 polymer "DNA (5'-D(P*CP*TP*GP*AP*TP*GP*T)-3')"
5 non-polymer 'COPPER (II) ION'
#
loop_
_entity_poly.entity_id
_entity_poly.type
_entity_poly.pdbx_seq_one_letter_code
_entity_poly.pdbx_strand_id
1 'polydeoxyribonucleotide'
;(DG)(DA)(DG)(DC)(DA)(DG)(DC)(DC)(DT)(DG)(DT)(S6G)(DT)(DG)(DG)(DA)(DC)(DA)(DT)
(DC)(DA)
;
A
2 'polydeoxyribonucleotide' (DC)(DC)(DA)(A1AAZ)(DA)(DC)(DA) B
3 'polydeoxyribonucleotide' (DG)(DG)(DC)(DT)(DG)(DC)(DT) C
4 'polydeoxyribonucleotide' (DC)(DT)(DG)(DA)(DT)(DG)(DT) D
#
loop_
_chem_comp.id
_chem_comp.type
_chem_comp.name
_chem_comp.formula
A1AAZ DNA linking 2-thio-thymidine 'C10 H15 N2 O7 P S'
CU non-polymer 'COPPER (II) ION' 'Cu 2'
DA DNA linking 2'-DEOXYADENOSINE-5'-MONOPHOSPHATE 'C10 H14 N5 O6 P'
DC DNA linking 2'-DEOXYCYTIDINE-5'-MONOPHOSPHATE 'C9 H14 N3 O7 P'
DG DNA linking 2'-DEOXYGUANOSINE-5'-MONOPHOSPHATE 'C10 H14 N5 O7 P'
DT DNA linking THYMIDINE-5'-MONOPHOSPHATE 'C10 H15 N2 O8 P'
S6G DNA linking 6-THIO-2'-DEOXYGUANOSINE-5'-MONOPHOSPHATE 'C10 H14 N5 O6 P S'
#
# COMPACT_ATOMS: atom_id res chain seq x y z
P S6G A 12 -8.05 -2.41 2.93
OP1 S6G A 12 -7.72 -3.34 1.79
OP2 S6G A 12 -6.93 -1.47 3.31
O5' S6G A 12 -9.36 -1.51 2.47
C5' S6G A 12 -9.60 -1.41 1.09
C4' S6G A 12 -8.79 -0.47 0.40
O4' S6G A 12 -7.40 -0.27 1.01
C3' S6G A 12 -8.53 -0.94 -1.05
O3' S6G A 12 -9.16 -0.04 -2.07
C2' S6G A 12 -7.26 -1.06 -1.19
C1' S6G A 12 -6.55 -0.28 0.04
N9 S6G A 12 -5.30 -0.93 0.40
C8 S6G A 12 -5.21 -2.07 1.07
N7 S6G A 12 -3.94 -2.39 1.24
C5 S6G A 12 -3.18 -1.44 0.67
C6 S6G A 12 -1.80 -1.25 0.54
S6 S6G A 12 -0.63 -2.46 1.22
N1 S6G A 12 -1.37 -0.17 -0.09
C2 S6G A 12 -2.21 0.71 -0.60
N2 S6G A 12 -1.68 1.88 -1.28
N3 S6G A 12 -3.51 0.55 -0.48
C4 S6G A 12 -4.05 -0.51 0.14
C1' A1AAZ B 4 4.88 2.20 -1.01
C2 A1AAZ B 4 3.31 0.67 -0.01
C2' A1AAZ B 4 5.70 2.93 -0.25
C3' A1AAZ B 4 6.59 3.70 -1.21
C4 A1AAZ B 4 3.98 -1.21 1.12
C4' A1AAZ B 4 6.49 2.91 -2.58
C5 A1AAZ B 4 5.30 -0.90 0.87
C5' A1AAZ B 4 7.90 2.45 -3.02
C6 A1AAZ B 4 5.56 0.26 0.15
C7 A1AAZ B 4 6.47 -1.81 1.38
N1 A1AAZ B 4 4.57 1.00 -0.27
N3 A1AAZ B 4 3.03 -0.42 0.67
O3' A1AAZ B 4 6.16 4.98 -1.37
O4 A1AAZ B 4 3.64 -2.35 1.83
O4' A1AAZ B 4 5.73 1.88 -2.36
O5' A1AAZ B 4 8.58 1.97 -1.90
OP1 A1AAZ B 4 11.07 1.87 -2.78
OP2 A1AAZ B 4 10.44 0.36 -0.89
P A1AAZ B 4 9.96 1.04 -2.17
S1 A1AAZ B 4 1.92 1.73 -0.61
CU CU E . 0.94 -2.01 2.85
#